data_5Y7M
#
_entry.id   5Y7M
#
_cell.length_a   113.370
_cell.length_b   176.600
_cell.length_c   59.900
_cell.angle_alpha   90.000
_cell.angle_beta   105.120
_cell.angle_gamma   90.000
#
_symmetry.space_group_name_H-M   'C 1 2 1'
#
loop_
_entity.id
_entity.type
_entity.pdbx_description
1 polymer '50S ribosomal protein L7Ae'
2 polymer 'RNA (52-MER)'
3 non-polymer "GUANOSINE-5'-TRIPHOSPHATE"
4 non-polymer 'SULFATE ION'
#
loop_
_entity_poly.entity_id
_entity_poly.type
_entity_poly.pdbx_seq_one_letter_code
_entity_poly.pdbx_strand_id
1 'polypeptide(L)'
;MMAKPSYVKFEVPKELAEKALQAVEIARDTGKIRKGTNETTKAVERGQAKLVIIAEDVDPEEIVAHLPPLCEEKEIPYIY
VPSKKELGAAAGIEVAAASVAIIEPGKARDLVEEIAMKVRELMKLEHHHHHH
;
A,C
2 'polyribonucleotide' GUAUGGUUAACCCGCAGACGAUCGAAAGGGAUGUGGAUGAAAGCCUAAGCC B,D
#
loop_
_chem_comp.id
_chem_comp.type
_chem_comp.name
_chem_comp.formula
A RNA linking ADENOSINE-5'-MONOPHOSPHATE 'C10 H14 N5 O7 P'
C RNA linking CYTIDINE-5'-MONOPHOSPHATE 'C9 H14 N3 O8 P'
G RNA linking GUANOSINE-5'-MONOPHOSPHATE 'C10 H14 N5 O8 P'
GTP non-polymer GUANOSINE-5'-TRIPHOSPHATE 'C10 H16 N5 O14 P3'
SO4 non-polymer 'SULFATE ION' 'O4 S -2'
U RNA linking URIDINE-5'-MONOPHOSPHATE 'C9 H13 N2 O9 P'
#
# COMPACT_ATOMS: atom_id res chain seq x y z
N LYS A 4 21.08 -6.77 -29.96
CA LYS A 4 19.68 -6.62 -30.31
C LYS A 4 19.02 -7.97 -30.56
N PRO A 5 17.85 -8.19 -29.96
CA PRO A 5 17.16 -9.48 -30.13
C PRO A 5 16.69 -9.67 -31.56
N SER A 6 16.47 -10.94 -31.92
CA SER A 6 16.06 -11.25 -33.28
C SER A 6 14.56 -11.16 -33.46
N TYR A 7 13.77 -11.36 -32.40
CA TYR A 7 12.33 -11.26 -32.49
C TYR A 7 11.83 -9.82 -32.57
N VAL A 8 12.70 -8.84 -32.34
CA VAL A 8 12.34 -7.43 -32.48
C VAL A 8 12.43 -7.09 -33.97
N LYS A 9 11.28 -7.06 -34.64
CA LYS A 9 11.27 -6.84 -36.08
C LYS A 9 11.53 -5.39 -36.44
N PHE A 10 11.14 -4.44 -35.59
CA PHE A 10 11.31 -3.03 -35.86
C PHE A 10 11.68 -2.30 -34.57
N GLU A 11 12.49 -1.25 -34.72
CA GLU A 11 12.88 -0.45 -33.57
C GLU A 11 11.78 0.52 -33.18
N VAL A 12 11.59 0.70 -31.89
CA VAL A 12 10.55 1.57 -31.34
C VAL A 12 11.23 2.72 -30.62
N PRO A 13 10.88 3.97 -30.90
CA PRO A 13 11.45 5.09 -30.14
C PRO A 13 10.99 5.07 -28.70
N LYS A 14 11.70 5.84 -27.87
CA LYS A 14 11.40 5.84 -26.44
C LYS A 14 10.05 6.48 -26.15
N GLU A 15 9.76 7.62 -26.79
CA GLU A 15 8.53 8.34 -26.48
C GLU A 15 7.29 7.53 -26.85
N LEU A 16 7.36 6.77 -27.95
CA LEU A 16 6.23 5.92 -28.32
C LEU A 16 6.07 4.75 -27.37
N ALA A 17 7.19 4.18 -26.92
CA ALA A 17 7.12 3.07 -25.97
C ALA A 17 6.58 3.52 -24.62
N GLU A 18 6.88 4.75 -24.21
CA GLU A 18 6.37 5.26 -22.94
C GLU A 18 4.85 5.33 -22.94
N LYS A 19 4.25 5.66 -24.09
CA LYS A 19 2.79 5.67 -24.19
C LYS A 19 2.21 4.26 -24.19
N ALA A 20 3.01 3.26 -24.57
CA ALA A 20 2.53 1.88 -24.51
C ALA A 20 2.32 1.43 -23.08
N LEU A 21 3.22 1.83 -22.17
CA LEU A 21 3.02 1.54 -20.76
C LEU A 21 1.80 2.27 -20.22
N GLN A 22 1.62 3.54 -20.62
CA GLN A 22 0.46 4.29 -20.17
C GLN A 22 -0.84 3.61 -20.59
N ALA A 23 -0.89 3.09 -21.81
CA ALA A 23 -2.08 2.38 -22.27
C ALA A 23 -2.37 1.17 -21.39
N VAL A 24 -1.32 0.45 -20.98
CA VAL A 24 -1.51 -0.67 -20.06
C VAL A 24 -1.98 -0.17 -18.71
N GLU A 25 -1.44 0.96 -18.25
CA GLU A 25 -1.85 1.51 -16.96
C GLU A 25 -3.30 1.95 -16.97
N ILE A 26 -3.72 2.64 -18.03
CA ILE A 26 -5.09 3.13 -18.11
C ILE A 26 -6.07 1.96 -18.27
N ALA A 27 -5.78 1.05 -19.20
CA ALA A 27 -6.67 -0.07 -19.44
C ALA A 27 -6.71 -1.03 -18.25
N ARG A 28 -5.69 -1.02 -17.40
CA ARG A 28 -5.73 -1.84 -16.19
C ARG A 28 -6.82 -1.36 -15.24
N ASP A 29 -7.08 -0.05 -15.20
CA ASP A 29 -8.07 0.51 -14.29
C ASP A 29 -9.44 0.73 -14.93
N THR A 30 -9.49 0.98 -16.24
CA THR A 30 -10.73 1.31 -16.92
C THR A 30 -11.16 0.27 -17.95
N GLY A 31 -10.39 -0.80 -18.11
CA GLY A 31 -10.73 -1.86 -19.06
C GLY A 31 -10.31 -3.21 -18.53
N LYS A 32 -9.98 -4.11 -19.44
CA LYS A 32 -9.54 -5.46 -19.10
C LYS A 32 -8.29 -5.79 -19.89
N ILE A 33 -7.21 -6.15 -19.18
CA ILE A 33 -5.96 -6.57 -19.80
C ILE A 33 -5.63 -7.96 -19.31
N ARG A 34 -4.67 -8.59 -19.98
CA ARG A 34 -4.18 -9.90 -19.60
C ARG A 34 -2.66 -9.85 -19.48
N LYS A 35 -2.15 -10.11 -18.27
CA LYS A 35 -0.74 -10.01 -17.96
C LYS A 35 -0.11 -11.39 -17.94
N GLY A 36 1.07 -11.50 -18.51
CA GLY A 36 1.76 -12.76 -18.62
C GLY A 36 1.70 -13.31 -20.05
N THR A 37 2.72 -14.09 -20.40
CA THR A 37 2.83 -14.58 -21.78
C THR A 37 1.78 -15.62 -22.09
N ASN A 38 1.36 -16.41 -21.10
CA ASN A 38 0.35 -17.44 -21.34
C ASN A 38 -1.02 -16.83 -21.58
N GLU A 39 -1.42 -15.89 -20.72
CA GLU A 39 -2.67 -15.18 -20.93
C GLU A 39 -2.64 -14.38 -22.22
N THR A 40 -1.50 -13.77 -22.53
CA THR A 40 -1.38 -12.98 -23.76
C THR A 40 -1.55 -13.86 -24.99
N THR A 41 -0.86 -15.00 -25.02
CA THR A 41 -0.94 -15.90 -26.17
C THR A 41 -2.38 -16.38 -26.38
N LYS A 42 -3.07 -16.74 -25.31
CA LYS A 42 -4.47 -17.12 -25.42
C LYS A 42 -5.32 -15.97 -25.93
N ALA A 43 -5.06 -14.75 -25.45
CA ALA A 43 -5.89 -13.62 -25.87
C ALA A 43 -5.68 -13.28 -27.34
N VAL A 44 -4.53 -13.64 -27.91
CA VAL A 44 -4.26 -13.39 -29.31
C VAL A 44 -4.88 -14.47 -30.19
N GLU A 45 -4.69 -15.74 -29.84
CA GLU A 45 -5.25 -16.83 -30.65
C GLU A 45 -6.78 -16.84 -30.57
N ARG A 46 -7.35 -16.40 -29.46
CA ARG A 46 -8.80 -16.21 -29.38
C ARG A 46 -9.27 -14.96 -30.09
N GLY A 47 -8.35 -14.10 -30.52
CA GLY A 47 -8.72 -12.91 -31.26
C GLY A 47 -9.37 -11.82 -30.46
N GLN A 48 -9.15 -11.79 -29.14
CA GLN A 48 -9.77 -10.80 -28.27
C GLN A 48 -8.78 -9.78 -27.72
N ALA A 49 -7.56 -9.73 -28.28
CA ALA A 49 -6.54 -8.80 -27.82
C ALA A 49 -6.46 -7.62 -28.78
N LYS A 50 -6.71 -6.41 -28.26
CA LYS A 50 -6.66 -5.21 -29.09
C LYS A 50 -5.22 -4.79 -29.37
N LEU A 51 -4.34 -4.92 -28.39
CA LEU A 51 -2.94 -4.54 -28.57
C LEU A 51 -2.06 -5.42 -27.67
N VAL A 52 -0.96 -5.89 -28.23
CA VAL A 52 -0.01 -6.74 -27.52
C VAL A 52 1.26 -5.94 -27.28
N ILE A 53 1.84 -6.11 -26.09
CA ILE A 53 3.05 -5.39 -25.69
C ILE A 53 4.10 -6.43 -25.32
N ILE A 54 5.24 -6.39 -26.01
CA ILE A 54 6.31 -7.37 -25.84
C ILE A 54 7.54 -6.68 -25.31
N ALA A 55 8.23 -7.32 -24.37
CA ALA A 55 9.45 -6.77 -23.81
C ALA A 55 10.65 -7.13 -24.69
N GLU A 56 11.69 -6.30 -24.61
CA GLU A 56 12.89 -6.49 -25.40
C GLU A 56 14.00 -7.21 -24.66
N ASP A 57 13.88 -7.37 -23.34
CA ASP A 57 14.91 -8.01 -22.52
C ASP A 57 14.53 -9.44 -22.14
N VAL A 58 13.87 -10.15 -23.04
CA VAL A 58 13.43 -11.52 -22.78
C VAL A 58 14.52 -12.48 -23.21
N ASP A 59 15.05 -13.23 -22.24
CA ASP A 59 16.07 -14.25 -22.50
C ASP A 59 15.70 -15.52 -21.72
N PRO A 60 15.51 -16.64 -22.44
CA PRO A 60 15.67 -16.85 -23.88
C PRO A 60 14.53 -16.26 -24.72
N GLU A 61 14.80 -16.08 -26.02
CA GLU A 61 13.80 -15.51 -26.92
C GLU A 61 12.64 -16.44 -27.17
N GLU A 62 12.85 -17.76 -27.03
CA GLU A 62 11.82 -18.75 -27.34
C GLU A 62 10.55 -18.59 -26.52
N ILE A 63 10.55 -17.68 -25.54
CA ILE A 63 9.35 -17.45 -24.73
C ILE A 63 8.36 -16.57 -25.48
N VAL A 64 8.83 -15.50 -26.10
CA VAL A 64 7.98 -14.53 -26.76
C VAL A 64 8.33 -14.36 -28.24
N ALA A 65 9.17 -15.24 -28.79
CA ALA A 65 9.57 -15.12 -30.19
C ALA A 65 8.41 -15.42 -31.14
N HIS A 66 7.36 -16.09 -30.67
CA HIS A 66 6.24 -16.46 -31.52
C HIS A 66 5.15 -15.40 -31.58
N LEU A 67 5.19 -14.38 -30.72
CA LEU A 67 4.13 -13.38 -30.73
C LEU A 67 4.16 -12.51 -31.98
N PRO A 68 5.27 -11.94 -32.41
CA PRO A 68 5.27 -11.13 -33.64
C PRO A 68 4.78 -11.92 -34.85
N PRO A 69 5.19 -13.18 -35.02
CA PRO A 69 4.59 -13.96 -36.12
C PRO A 69 3.10 -14.22 -35.92
N LEU A 70 2.67 -14.54 -34.70
CA LEU A 70 1.26 -14.83 -34.47
C LEU A 70 0.41 -13.57 -34.59
N CYS A 71 0.91 -12.43 -34.11
CA CYS A 71 0.14 -11.20 -34.20
C CYS A 71 -0.05 -10.74 -35.64
N GLU A 72 0.90 -11.06 -36.53
CA GLU A 72 0.74 -10.69 -37.93
C GLU A 72 -0.28 -11.58 -38.62
N GLU A 73 -0.36 -12.85 -38.23
CA GLU A 73 -1.36 -13.74 -38.82
C GLU A 73 -2.77 -13.35 -38.40
N LYS A 74 -2.97 -13.09 -37.10
CA LYS A 74 -4.25 -12.65 -36.58
C LYS A 74 -4.53 -11.18 -36.86
N GLU A 75 -3.59 -10.47 -37.48
CA GLU A 75 -3.73 -9.05 -37.79
C GLU A 75 -4.02 -8.23 -36.53
N ILE A 76 -3.17 -8.41 -35.52
CA ILE A 76 -3.26 -7.71 -34.25
C ILE A 76 -1.98 -6.91 -34.07
N PRO A 77 -2.06 -5.61 -33.79
CA PRO A 77 -0.83 -4.80 -33.65
C PRO A 77 -0.06 -5.17 -32.39
N TYR A 78 1.23 -4.88 -32.43
CA TYR A 78 2.11 -5.13 -31.29
C TYR A 78 3.20 -4.08 -31.27
N ILE A 79 3.75 -3.84 -30.08
CA ILE A 79 4.78 -2.83 -29.87
C ILE A 79 5.73 -3.33 -28.80
N TYR A 80 6.99 -2.89 -28.89
CA TYR A 80 8.05 -3.36 -28.02
C TYR A 80 8.34 -2.36 -26.91
N VAL A 81 8.56 -2.87 -25.71
CA VAL A 81 8.92 -2.07 -24.54
C VAL A 81 10.31 -2.52 -24.07
N PRO A 82 11.21 -1.62 -23.72
CA PRO A 82 12.55 -2.04 -23.27
C PRO A 82 12.53 -2.91 -22.02
N SER A 83 11.99 -2.39 -20.93
CA SER A 83 12.04 -3.08 -19.65
C SER A 83 10.88 -4.06 -19.50
N LYS A 84 11.19 -5.26 -19.01
CA LYS A 84 10.15 -6.23 -18.67
C LYS A 84 9.67 -6.10 -17.24
N LYS A 85 10.47 -5.49 -16.36
CA LYS A 85 10.01 -5.22 -15.00
C LYS A 85 9.06 -4.04 -14.98
N GLU A 86 9.40 -2.96 -15.70
CA GLU A 86 8.47 -1.85 -15.83
C GLU A 86 7.19 -2.26 -16.53
N LEU A 87 7.27 -3.26 -17.43
CA LEU A 87 6.07 -3.79 -18.05
C LEU A 87 5.17 -4.48 -17.04
N GLY A 88 5.77 -5.27 -16.14
CA GLY A 88 5.00 -5.89 -15.08
C GLY A 88 4.45 -4.89 -14.08
N ALA A 89 5.17 -3.78 -13.87
CA ALA A 89 4.69 -2.74 -12.97
C ALA A 89 3.46 -2.05 -13.54
N ALA A 90 3.45 -1.80 -14.85
CA ALA A 90 2.30 -1.17 -15.48
C ALA A 90 1.08 -2.09 -15.45
N ALA A 91 1.29 -3.39 -15.50
CA ALA A 91 0.18 -4.34 -15.40
C ALA A 91 -0.36 -4.48 -13.99
N GLY A 92 0.39 -4.05 -12.99
CA GLY A 92 -0.06 -4.10 -11.61
C GLY A 92 0.39 -5.32 -10.82
N ILE A 93 1.48 -5.98 -11.22
CA ILE A 93 1.95 -7.17 -10.52
C ILE A 93 3.32 -6.88 -9.92
N GLU A 94 3.68 -7.69 -8.91
CA GLU A 94 4.93 -7.46 -8.20
C GLU A 94 6.14 -7.90 -9.00
N VAL A 95 6.00 -8.97 -9.78
CA VAL A 95 7.09 -9.51 -10.56
C VAL A 95 7.04 -8.97 -11.98
N ALA A 96 8.04 -9.28 -12.79
CA ALA A 96 8.12 -8.80 -14.16
C ALA A 96 7.13 -9.55 -15.05
N ALA A 97 6.91 -9.00 -16.24
CA ALA A 97 6.01 -9.58 -17.23
C ALA A 97 6.68 -9.57 -18.58
N ALA A 98 6.75 -10.74 -19.23
CA ALA A 98 7.38 -10.80 -20.54
C ALA A 98 6.50 -10.21 -21.63
N SER A 99 5.18 -10.31 -21.49
CA SER A 99 4.28 -9.74 -22.48
C SER A 99 2.92 -9.50 -21.83
N VAL A 100 2.22 -8.49 -22.33
CA VAL A 100 0.90 -8.10 -21.84
C VAL A 100 -0.01 -7.89 -23.05
N ALA A 101 -1.26 -8.35 -22.92
CA ALA A 101 -2.26 -8.20 -23.97
C ALA A 101 -3.37 -7.28 -23.47
N ILE A 102 -3.75 -6.31 -24.29
CA ILE A 102 -4.84 -5.39 -23.98
C ILE A 102 -6.09 -5.90 -24.67
N ILE A 103 -7.06 -6.37 -23.87
CA ILE A 103 -8.32 -6.85 -24.43
C ILE A 103 -9.28 -5.68 -24.65
N GLU A 104 -9.57 -4.94 -23.59
CA GLU A 104 -10.45 -3.78 -23.65
C GLU A 104 -9.68 -2.55 -23.18
N PRO A 105 -9.41 -1.58 -24.06
CA PRO A 105 -8.64 -0.40 -23.62
C PRO A 105 -9.39 0.49 -22.64
N GLY A 106 -10.71 0.55 -22.73
CA GLY A 106 -11.45 1.39 -21.81
C GLY A 106 -11.26 2.86 -22.14
N LYS A 107 -10.84 3.63 -21.14
CA LYS A 107 -10.56 5.04 -21.36
C LYS A 107 -9.37 5.24 -22.29
N ALA A 108 -8.47 4.26 -22.34
CA ALA A 108 -7.30 4.31 -23.22
C ALA A 108 -7.63 3.96 -24.67
N ARG A 109 -8.91 4.02 -25.05
CA ARG A 109 -9.29 3.71 -26.42
C ARG A 109 -8.60 4.61 -27.42
N ASP A 110 -8.49 5.91 -27.10
CA ASP A 110 -7.81 6.84 -27.99
C ASP A 110 -6.31 6.54 -28.08
N LEU A 111 -5.69 6.25 -26.94
CA LEU A 111 -4.24 6.03 -26.92
C LEU A 111 -3.85 4.78 -27.70
N VAL A 112 -4.69 3.75 -27.69
CA VAL A 112 -4.39 2.55 -28.46
C VAL A 112 -4.47 2.83 -29.95
N GLU A 113 -5.41 3.68 -30.36
CA GLU A 113 -5.49 4.06 -31.78
C GLU A 113 -4.23 4.79 -32.23
N GLU A 114 -3.71 5.68 -31.38
CA GLU A 114 -2.49 6.40 -31.73
C GLU A 114 -1.31 5.44 -31.86
N ILE A 115 -1.20 4.47 -30.95
CA ILE A 115 -0.12 3.50 -31.02
C ILE A 115 -0.30 2.59 -32.22
N ALA A 116 -1.55 2.25 -32.56
CA ALA A 116 -1.80 1.36 -33.69
C ALA A 116 -1.38 1.99 -35.01
N MET A 117 -1.55 3.30 -35.15
CA MET A 117 -1.13 3.98 -36.37
C MET A 117 0.38 4.03 -36.49
N LYS A 118 1.07 4.32 -35.38
CA LYS A 118 2.52 4.49 -35.43
C LYS A 118 3.24 3.16 -35.64
N VAL A 119 2.73 2.07 -35.03
CA VAL A 119 3.33 0.76 -35.30
C VAL A 119 3.04 0.31 -36.72
N ARG A 120 2.00 0.84 -37.35
CA ARG A 120 1.79 0.60 -38.78
C ARG A 120 2.83 1.35 -39.61
N GLU A 121 3.10 2.61 -39.27
CA GLU A 121 4.08 3.38 -40.00
C GLU A 121 5.49 2.88 -39.76
N LEU A 122 5.81 2.55 -38.51
CA LEU A 122 7.15 2.03 -38.19
C LEU A 122 7.39 0.70 -38.87
N MET A 123 6.35 -0.09 -39.09
CA MET A 123 6.51 -1.39 -39.73
C MET A 123 6.73 -1.26 -41.24
N LYS A 124 6.18 -0.22 -41.86
CA LYS A 124 6.39 -0.02 -43.29
C LYS A 124 7.80 0.48 -43.58
N LEU A 125 8.40 1.21 -42.64
CA LEU A 125 9.73 1.79 -42.87
C LEU A 125 10.83 0.73 -42.75
N GLU A 126 10.74 -0.13 -41.75
CA GLU A 126 11.74 -1.19 -41.60
C GLU A 126 11.62 -2.24 -42.70
N HIS A 127 10.44 -2.38 -43.30
CA HIS A 127 10.21 -3.29 -44.42
C HIS A 127 10.53 -2.65 -45.77
N HIS A 128 11.04 -1.42 -45.77
CA HIS A 128 11.33 -0.67 -46.99
C HIS A 128 10.07 -0.48 -47.83
N LYS C 4 12.22 12.50 29.60
CA LYS C 4 11.76 12.44 30.98
C LYS C 4 10.89 13.63 31.38
N PRO C 5 9.72 13.77 30.74
CA PRO C 5 8.84 14.89 31.07
C PRO C 5 8.20 14.71 32.44
N SER C 6 7.58 15.79 32.92
CA SER C 6 7.02 15.80 34.26
C SER C 6 5.64 15.14 34.35
N TYR C 7 5.02 14.80 33.22
CA TYR C 7 3.72 14.14 33.26
C TYR C 7 3.82 12.62 33.25
N VAL C 8 5.00 12.06 32.98
CA VAL C 8 5.22 10.62 33.07
C VAL C 8 5.41 10.28 34.54
N LYS C 9 4.45 9.54 35.11
CA LYS C 9 4.42 9.29 36.55
C LYS C 9 4.98 7.93 36.95
N PHE C 10 5.37 7.10 35.99
CA PHE C 10 6.01 5.82 36.32
C PHE C 10 6.81 5.33 35.11
N GLU C 11 7.73 4.42 35.39
CA GLU C 11 8.61 3.86 34.37
C GLU C 11 7.92 2.66 33.71
N VAL C 12 7.67 2.76 32.41
CA VAL C 12 7.05 1.68 31.65
C VAL C 12 8.17 0.84 31.05
N PRO C 13 8.27 -0.44 31.39
CA PRO C 13 9.29 -1.30 30.77
C PRO C 13 9.08 -1.41 29.27
N LYS C 14 10.18 -1.68 28.56
CA LYS C 14 10.12 -1.79 27.11
C LYS C 14 9.19 -2.92 26.67
N GLU C 15 9.15 -4.02 27.42
CA GLU C 15 8.26 -5.12 27.07
C GLU C 15 6.79 -4.71 27.21
N LEU C 16 6.48 -3.87 28.20
CA LEU C 16 5.11 -3.43 28.41
C LEU C 16 4.69 -2.38 27.39
N ALA C 17 5.58 -1.43 27.08
CA ALA C 17 5.25 -0.42 26.07
C ALA C 17 5.05 -1.03 24.69
N GLU C 18 5.78 -2.11 24.39
CA GLU C 18 5.58 -2.80 23.13
C GLU C 18 4.20 -3.45 23.08
N LYS C 19 3.74 -4.00 24.22
CA LYS C 19 2.40 -4.58 24.25
C LYS C 19 1.33 -3.50 24.22
N ALA C 20 1.62 -2.31 24.74
CA ALA C 20 0.67 -1.20 24.63
C ALA C 20 0.48 -0.80 23.18
N LEU C 21 1.56 -0.77 22.40
CA LEU C 21 1.42 -0.52 20.97
C LEU C 21 0.70 -1.66 20.27
N GLN C 22 0.89 -2.89 20.74
CA GLN C 22 0.16 -4.03 20.18
C GLN C 22 -1.34 -3.88 20.41
N ALA C 23 -1.73 -3.36 21.58
CA ALA C 23 -3.14 -3.19 21.89
C ALA C 23 -3.81 -2.22 20.93
N VAL C 24 -3.13 -1.12 20.61
CA VAL C 24 -3.69 -0.15 19.68
C VAL C 24 -3.79 -0.73 18.28
N GLU C 25 -2.83 -1.57 17.91
CA GLU C 25 -2.84 -2.16 16.57
C GLU C 25 -3.96 -3.19 16.43
N ILE C 26 -4.13 -4.05 17.44
CA ILE C 26 -5.18 -5.07 17.36
C ILE C 26 -6.55 -4.44 17.49
N ALA C 27 -6.69 -3.42 18.34
CA ALA C 27 -8.00 -2.81 18.57
C ALA C 27 -8.48 -2.03 17.34
N ARG C 28 -7.55 -1.46 16.57
CA ARG C 28 -7.98 -0.72 15.38
C ARG C 28 -8.47 -1.64 14.28
N ASP C 29 -8.18 -2.94 14.37
CA ASP C 29 -8.64 -3.91 13.38
C ASP C 29 -9.88 -4.67 13.80
N THR C 30 -10.04 -4.93 15.10
CA THR C 30 -11.16 -5.71 15.60
C THR C 30 -12.08 -4.95 16.55
N GLY C 31 -11.76 -3.70 16.87
CA GLY C 31 -12.62 -2.88 17.69
C GLY C 31 -12.68 -1.45 17.20
N LYS C 32 -12.81 -0.49 18.11
CA LYS C 32 -12.85 0.92 17.77
C LYS C 32 -11.97 1.70 18.73
N ILE C 33 -11.13 2.58 18.18
CA ILE C 33 -10.26 3.44 18.96
C ILE C 33 -10.48 4.89 18.54
N ARG C 34 -10.05 5.80 19.40
CA ARG C 34 -10.09 7.23 19.13
C ARG C 34 -8.67 7.76 19.14
N LYS C 35 -8.18 8.19 17.98
CA LYS C 35 -6.83 8.69 17.82
C LYS C 35 -6.81 10.21 17.89
N GLY C 36 -5.78 10.74 18.55
CA GLY C 36 -5.68 12.17 18.75
C GLY C 36 -6.04 12.58 20.16
N THR C 37 -5.45 13.68 20.60
CA THR C 37 -5.66 14.13 21.99
C THR C 37 -7.08 14.65 22.19
N ASN C 38 -7.64 15.33 21.19
CA ASN C 38 -8.99 15.87 21.33
C ASN C 38 -10.02 14.73 21.44
N GLU C 39 -9.92 13.74 20.56
CA GLU C 39 -10.82 12.59 20.65
C GLU C 39 -10.57 11.79 21.92
N THR C 40 -9.31 11.69 22.36
CA THR C 40 -8.99 10.97 23.58
C THR C 40 -9.58 11.67 24.81
N THR C 41 -9.47 12.99 24.86
CA THR C 41 -9.98 13.74 26.02
C THR C 41 -11.49 13.59 26.14
N LYS C 42 -12.22 13.72 25.01
CA LYS C 42 -13.67 13.55 25.04
C LYS C 42 -14.05 12.14 25.47
N ALA C 43 -13.27 11.14 25.03
CA ALA C 43 -13.58 9.75 25.36
C ALA C 43 -13.39 9.47 26.85
N VAL C 44 -12.45 10.17 27.50
CA VAL C 44 -12.21 9.95 28.92
C VAL C 44 -13.28 10.66 29.75
N GLU C 45 -13.71 11.85 29.32
CA GLU C 45 -14.75 12.57 30.04
C GLU C 45 -16.07 11.82 29.99
N ARG C 46 -16.40 11.24 28.83
CA ARG C 46 -17.63 10.47 28.67
C ARG C 46 -17.56 9.10 29.33
N GLY C 47 -16.41 8.71 29.87
CA GLY C 47 -16.27 7.36 30.40
C GLY C 47 -16.32 6.29 29.34
N GLN C 48 -15.88 6.60 28.13
CA GLN C 48 -15.93 5.67 27.00
C GLN C 48 -14.62 4.95 26.75
N ALA C 49 -13.52 5.41 27.31
CA ALA C 49 -12.20 4.85 27.03
C ALA C 49 -11.82 3.84 28.12
N LYS C 50 -11.45 2.64 27.69
CA LYS C 50 -10.97 1.61 28.61
C LYS C 50 -9.47 1.71 28.87
N LEU C 51 -8.71 2.25 27.92
CA LEU C 51 -7.27 2.41 28.09
C LEU C 51 -6.81 3.64 27.32
N VAL C 52 -5.93 4.41 27.94
CA VAL C 52 -5.37 5.62 27.36
C VAL C 52 -3.87 5.43 27.16
N ILE C 53 -3.38 5.75 25.97
CA ILE C 53 -1.98 5.58 25.61
C ILE C 53 -1.41 6.97 25.36
N ILE C 54 -0.40 7.35 26.14
CA ILE C 54 0.19 8.69 26.09
C ILE C 54 1.64 8.58 25.66
N ALA C 55 2.07 9.49 24.80
CA ALA C 55 3.46 9.50 24.35
C ALA C 55 4.34 10.25 25.34
N GLU C 56 5.60 9.83 25.41
CA GLU C 56 6.57 10.40 26.33
C GLU C 56 7.45 11.46 25.68
N ASP C 57 7.29 11.73 24.39
CA ASP C 57 8.15 12.65 23.67
C ASP C 57 7.37 13.86 23.13
N VAL C 58 6.31 14.25 23.83
CA VAL C 58 5.48 15.37 23.40
C VAL C 58 5.99 16.66 24.01
N ASP C 59 6.27 17.65 23.17
CA ASP C 59 6.67 18.97 23.62
C ASP C 59 5.83 20.01 22.87
N PRO C 60 5.16 20.91 23.60
CA PRO C 60 5.20 21.07 25.06
C PRO C 60 4.37 20.03 25.82
N GLU C 61 4.64 19.90 27.12
CA GLU C 61 3.94 18.92 27.94
C GLU C 61 2.45 19.24 28.06
N GLU C 62 2.08 20.51 27.92
CA GLU C 62 0.73 20.97 28.22
C GLU C 62 -0.32 20.36 27.29
N ILE C 63 0.08 19.79 26.16
CA ILE C 63 -0.90 19.19 25.26
C ILE C 63 -1.52 17.94 25.87
N VAL C 64 -0.71 17.13 26.54
CA VAL C 64 -1.16 15.86 27.10
C VAL C 64 -0.96 15.78 28.60
N ALA C 65 -0.65 16.91 29.25
CA ALA C 65 -0.32 16.86 30.67
C ALA C 65 -1.53 16.56 31.54
N HIS C 66 -2.74 16.88 31.08
CA HIS C 66 -3.95 16.74 31.89
C HIS C 66 -4.50 15.32 31.90
N LEU C 67 -4.00 14.42 31.04
CA LEU C 67 -4.59 13.09 30.97
C LEU C 67 -4.32 12.26 32.21
N PRO C 68 -3.09 12.18 32.73
CA PRO C 68 -2.86 11.38 33.95
C PRO C 68 -3.71 11.85 35.12
N PRO C 69 -3.87 13.16 35.36
CA PRO C 69 -4.81 13.56 36.41
C PRO C 69 -6.26 13.23 36.07
N LEU C 70 -6.67 13.43 34.82
CA LEU C 70 -8.05 13.17 34.44
C LEU C 70 -8.36 11.67 34.47
N CYS C 71 -7.44 10.84 34.01
CA CYS C 71 -7.67 9.40 34.00
C CYS C 71 -7.76 8.84 35.42
N GLU C 72 -6.99 9.39 36.36
CA GLU C 72 -7.12 8.96 37.75
C GLU C 72 -8.43 9.43 38.36
N GLU C 73 -8.97 10.55 37.88
CA GLU C 73 -10.25 11.04 38.41
C GLU C 73 -11.41 10.16 37.95
N LYS C 74 -11.40 9.77 36.68
CA LYS C 74 -12.45 8.92 36.11
C LYS C 74 -12.16 7.44 36.29
N GLU C 75 -11.10 7.08 37.01
CA GLU C 75 -10.72 5.69 37.24
C GLU C 75 -10.53 4.94 35.91
N ILE C 76 -9.68 5.49 35.06
CA ILE C 76 -9.37 4.91 33.76
C ILE C 76 -7.87 4.66 33.71
N PRO C 77 -7.42 3.45 33.40
CA PRO C 77 -5.97 3.19 33.37
C PRO C 77 -5.31 3.82 32.15
N TYR C 78 -4.09 4.33 32.35
CA TYR C 78 -3.33 4.94 31.28
C TYR C 78 -1.94 4.34 31.23
N ILE C 79 -1.35 4.35 30.04
CA ILE C 79 -0.04 3.74 29.79
C ILE C 79 0.78 4.70 28.94
N TYR C 80 2.09 4.72 29.21
CA TYR C 80 3.01 5.59 28.50
C TYR C 80 3.75 4.83 27.41
N VAL C 81 3.87 5.46 26.24
CA VAL C 81 4.56 4.88 25.09
C VAL C 81 5.73 5.81 24.74
N PRO C 82 6.89 5.28 24.38
CA PRO C 82 8.06 6.15 24.17
C PRO C 82 7.91 7.15 23.02
N SER C 83 7.48 6.71 21.85
CA SER C 83 7.48 7.54 20.65
C SER C 83 6.07 7.92 20.25
N LYS C 84 5.88 9.20 19.91
CA LYS C 84 4.62 9.67 19.36
C LYS C 84 4.50 9.31 17.88
N LYS C 85 5.63 9.21 17.17
CA LYS C 85 5.60 8.79 15.78
C LYS C 85 5.13 7.35 15.65
N GLU C 86 5.59 6.47 16.55
CA GLU C 86 5.16 5.08 16.53
C GLU C 86 3.69 4.94 16.92
N LEU C 87 3.24 5.74 17.89
CA LEU C 87 1.85 5.65 18.33
C LEU C 87 0.90 6.02 17.20
N GLY C 88 1.28 6.97 16.35
CA GLY C 88 0.48 7.28 15.19
C GLY C 88 0.48 6.14 14.18
N ALA C 89 1.62 5.46 14.03
CA ALA C 89 1.69 4.32 13.14
C ALA C 89 0.85 3.17 13.65
N ALA C 90 0.84 2.97 14.97
CA ALA C 90 -0.02 1.94 15.55
C ALA C 90 -1.50 2.30 15.41
N ALA C 91 -1.83 3.60 15.43
CA ALA C 91 -3.21 4.01 15.26
C ALA C 91 -3.65 3.93 13.81
N GLY C 92 -2.71 3.90 12.86
CA GLY C 92 -3.04 3.81 11.46
C GLY C 92 -3.14 5.13 10.73
N ILE C 93 -2.47 6.17 11.22
CA ILE C 93 -2.52 7.49 10.59
C ILE C 93 -1.13 7.83 10.06
N GLU C 94 -1.12 8.75 9.10
CA GLU C 94 0.11 9.12 8.40
C GLU C 94 0.97 10.11 9.18
N VAL C 95 0.54 10.55 10.35
CA VAL C 95 1.27 11.52 11.16
C VAL C 95 1.34 11.02 12.59
N ALA C 96 2.14 11.69 13.40
CA ALA C 96 2.30 11.30 14.79
C ALA C 96 1.02 11.53 15.58
N ALA C 97 0.92 10.86 16.72
CA ALA C 97 -0.24 10.96 17.61
C ALA C 97 0.25 11.15 19.03
N ALA C 98 -0.15 12.26 19.65
CA ALA C 98 0.30 12.56 21.00
C ALA C 98 -0.34 11.62 22.02
N SER C 99 -1.59 11.23 21.79
CA SER C 99 -2.28 10.30 22.70
C SER C 99 -3.35 9.55 21.93
N VAL C 100 -3.67 8.35 22.41
CA VAL C 100 -4.63 7.47 21.77
C VAL C 100 -5.50 6.83 22.85
N ALA C 101 -6.80 6.77 22.60
CA ALA C 101 -7.75 6.12 23.49
C ALA C 101 -8.30 4.86 22.83
N ILE C 102 -8.46 3.81 23.63
CA ILE C 102 -9.04 2.55 23.17
C ILE C 102 -10.46 2.47 23.70
N ILE C 103 -11.44 2.56 22.79
CA ILE C 103 -12.84 2.51 23.19
C ILE C 103 -13.29 1.06 23.34
N GLU C 104 -13.23 0.30 22.25
CA GLU C 104 -13.56 -1.13 22.26
C GLU C 104 -12.33 -1.94 21.90
N PRO C 105 -11.80 -2.75 22.82
CA PRO C 105 -10.58 -3.50 22.50
C PRO C 105 -10.82 -4.64 21.51
N GLY C 106 -12.00 -5.26 21.53
CA GLY C 106 -12.29 -6.34 20.63
C GLY C 106 -11.50 -7.60 20.94
N LYS C 107 -10.60 -7.99 20.03
CA LYS C 107 -9.77 -9.16 20.31
C LYS C 107 -8.68 -8.86 21.33
N ALA C 108 -8.30 -7.60 21.47
CA ALA C 108 -7.23 -7.25 22.41
C ALA C 108 -7.80 -7.11 23.82
N ARG C 109 -8.99 -7.68 24.04
CA ARG C 109 -9.63 -7.65 25.34
C ARG C 109 -8.72 -8.24 26.41
N ASP C 110 -8.04 -9.34 26.10
CA ASP C 110 -7.12 -9.93 27.07
C ASP C 110 -5.86 -9.10 27.24
N LEU C 111 -5.38 -8.49 26.15
CA LEU C 111 -4.13 -7.75 26.22
C LEU C 111 -4.27 -6.51 27.11
N VAL C 112 -5.36 -5.76 26.96
CA VAL C 112 -5.57 -4.60 27.81
C VAL C 112 -5.87 -5.01 29.24
N GLU C 113 -6.38 -6.22 29.47
CA GLU C 113 -6.53 -6.71 30.83
C GLU C 113 -5.17 -6.92 31.48
N GLU C 114 -4.23 -7.51 30.75
CA GLU C 114 -2.86 -7.67 31.26
C GLU C 114 -2.19 -6.33 31.46
N ILE C 115 -2.42 -5.38 30.56
CA ILE C 115 -1.77 -4.07 30.66
C ILE C 115 -2.31 -3.29 31.86
N ALA C 116 -3.64 -3.29 32.03
CA ALA C 116 -4.24 -2.55 33.14
C ALA C 116 -3.80 -3.10 34.49
N MET C 117 -3.46 -4.39 34.55
CA MET C 117 -2.98 -4.97 35.80
C MET C 117 -1.56 -4.52 36.11
N LYS C 118 -0.67 -4.63 35.14
CA LYS C 118 0.72 -4.22 35.36
C LYS C 118 0.83 -2.73 35.65
N VAL C 119 -0.07 -1.93 35.10
CA VAL C 119 -0.06 -0.49 35.37
C VAL C 119 -0.37 -0.23 36.84
N ARG C 120 -1.42 -0.87 37.37
CA ARG C 120 -1.76 -0.70 38.78
C ARG C 120 -0.63 -1.15 39.69
N GLU C 121 0.19 -2.10 39.25
CA GLU C 121 1.34 -2.51 40.04
C GLU C 121 2.38 -1.40 40.11
N LEU C 122 2.53 -0.64 39.02
CA LEU C 122 3.47 0.48 39.01
C LEU C 122 2.92 1.69 39.75
N MET C 123 1.59 1.84 39.80
CA MET C 123 0.99 2.99 40.47
C MET C 123 1.28 2.99 41.95
N LYS C 124 0.99 1.87 42.63
CA LYS C 124 1.19 1.81 44.08
C LYS C 124 2.67 1.79 44.46
N LEU C 125 3.55 1.36 43.55
CA LEU C 125 4.97 1.35 43.87
C LEU C 125 5.57 2.74 43.85
N GLU C 126 5.01 3.65 43.05
CA GLU C 126 5.58 4.98 42.88
C GLU C 126 5.12 5.88 44.02
N HIS C 127 5.78 5.72 45.16
CA HIS C 127 5.60 6.59 46.33
C HIS C 127 4.14 6.65 46.77
N HIS C 128 3.62 5.49 47.15
CA HIS C 128 2.25 5.39 47.65
C HIS C 128 2.16 4.43 48.84
PG GTP E . -11.81 -42.59 33.23
O1G GTP E . -12.86 -41.61 33.69
O2G GTP E . -12.26 -43.28 31.97
O3G GTP E . -11.59 -43.64 34.30
O3B GTP E . -10.44 -41.81 32.95
PB GTP E . -10.37 -40.20 32.89
O1B GTP E . -11.27 -39.73 31.79
O2B GTP E . -8.95 -39.74 32.63
O3A GTP E . -10.93 -39.65 34.30
PA GTP E . -10.54 -40.24 35.76
O1A GTP E . -11.74 -40.09 36.67
O2A GTP E . -10.11 -41.69 35.69
O5' GTP E . -9.33 -39.34 36.33
C5' GTP E . -8.47 -38.60 35.49
C4' GTP E . -7.07 -39.17 35.65
O4' GTP E . -6.88 -40.33 34.87
C3' GTP E . -5.98 -38.21 35.21
O3' GTP E . -5.61 -37.35 36.27
C2' GTP E . -4.85 -39.14 34.82
O2' GTP E . -3.94 -39.28 35.89
C1' GTP E . -5.50 -40.48 34.53
N9 GTP E . -5.39 -40.80 33.09
C8 GTP E . -6.41 -41.24 32.29
N7 GTP E . -5.94 -41.44 31.04
C5 GTP E . -4.62 -41.13 31.03
C6 GTP E . -3.67 -41.16 30.01
O6 GTP E . -4.00 -41.52 28.88
N1 GTP E . -2.37 -40.81 30.28
C2 GTP E . -2.03 -40.41 31.56
N2 GTP E . -0.76 -40.06 31.81
N3 GTP E . -2.97 -40.38 32.56
C4 GTP E . -4.26 -40.73 32.30
S SO4 F . 7.52 -10.14 -0.67
O1 SO4 F . 6.74 -10.76 -1.73
O2 SO4 F . 6.72 -10.03 0.54
O3 SO4 F . 8.69 -10.98 -0.39
O4 SO4 F . 7.96 -8.81 -1.09
S SO4 G . -1.49 -16.56 16.01
O1 SO4 G . -2.18 -16.98 14.79
O2 SO4 G . -2.45 -16.41 17.09
O3 SO4 G . -0.49 -17.55 16.37
O4 SO4 G . -0.82 -15.27 15.76
S SO4 H . 2.34 -15.65 12.57
O1 SO4 H . 1.39 -15.37 11.50
O2 SO4 H . 1.62 -15.72 13.84
O3 SO4 H . 3.01 -16.92 12.32
O4 SO4 H . 3.33 -14.57 12.63
S SO4 I . -21.71 15.06 26.49
O1 SO4 I . -23.12 14.92 26.16
O2 SO4 I . -21.39 14.17 27.61
O3 SO4 I . -20.90 14.68 25.33
O4 SO4 I . -21.42 16.44 26.86
S SO4 J . -12.32 -15.53 29.37
O1 SO4 J . -13.16 -14.95 28.32
O2 SO4 J . -12.97 -15.34 30.67
O3 SO4 J . -11.03 -14.87 29.37
O4 SO4 J . -12.15 -16.96 29.12
S SO4 K . -13.41 4.81 14.17
O1 SO4 K . -14.25 4.35 13.07
O2 SO4 K . -14.24 5.43 15.20
O3 SO4 K . -12.70 3.66 14.74
O4 SO4 K . -12.44 5.78 13.68
PG GTP L . -24.27 34.16 -35.36
O1G GTP L . -25.26 33.41 -36.22
O2G GTP L . -23.32 33.18 -34.70
O3G GTP L . -25.02 34.92 -34.30
O3B GTP L . -23.43 35.18 -36.29
PB GTP L . -21.94 35.67 -35.91
O1B GTP L . -21.95 36.37 -34.57
O2B GTP L . -21.41 36.57 -36.99
O3A GTP L . -21.06 34.32 -35.83
PA GTP L . -21.04 33.24 -37.03
O1A GTP L . -22.40 33.06 -37.66
O2A GTP L . -20.56 31.92 -36.47
O5' GTP L . -19.98 33.78 -38.10
C5' GTP L . -18.74 33.13 -38.22
C4' GTP L . -17.58 34.12 -38.15
O4' GTP L . -17.94 35.29 -37.44
C3' GTP L . -16.41 33.56 -37.39
O3' GTP L . -15.60 32.74 -38.20
C2' GTP L . -15.70 34.80 -36.91
O2' GTP L . -14.72 35.19 -37.85
C1' GTP L . -16.80 35.85 -36.81
N9 GTP L . -17.09 36.09 -35.39
C8 GTP L . -18.33 36.02 -34.81
N7 GTP L . -18.21 36.31 -33.49
C5 GTP L . -16.91 36.57 -33.22
C6 GTP L . -16.25 36.91 -32.05
O6 GTP L . -16.88 37.04 -31.00
N1 GTP L . -14.89 37.13 -32.06
C2 GTP L . -14.19 36.99 -33.25
N2 GTP L . -12.87 37.20 -33.26
N3 GTP L . -14.84 36.65 -34.41
C4 GTP L . -16.19 36.43 -34.41
S SO4 M . 2.21 12.77 1.63
O1 SO4 M . 1.70 12.56 0.27
O2 SO4 M . 1.15 12.52 2.59
O3 SO4 M . 3.31 11.83 1.87
O4 SO4 M . 2.70 14.13 1.76
S SO4 N . -2.44 21.56 -16.73
O1 SO4 N . -3.53 21.94 -17.63
O2 SO4 N . -2.92 21.64 -15.35
O3 SO4 N . -2.02 20.20 -17.02
O4 SO4 N . -1.32 22.46 -16.92
S SO4 O . -7.67 15.72 -20.02
O1 SO4 O . -8.02 16.68 -21.06
O2 SO4 O . -8.88 15.06 -19.54
O3 SO4 O . -7.02 16.41 -18.92
O4 SO4 O . -6.76 14.72 -20.57
#